data_4IAH
#
_entry.id   4IAH
#
_cell.length_a   122.573
_cell.length_b   122.573
_cell.length_c   122.573
_cell.angle_alpha   90.00
_cell.angle_beta   90.00
_cell.angle_gamma   90.00
#
_symmetry.space_group_name_H-M   'P 21 3'
#
loop_
_entity.id
_entity.type
_entity.pdbx_description
1 polymer 'Alr2278 protein'
2 non-polymer "4-({(4-carboxybutyl)[2-(5-fluoro-2-{[4'-(trifluoromethyl)biphenyl-4-yl]methoxy}phenyl)ethyl]amino}methyl)benzoic acid"
3 non-polymer 'MALONATE ION'
4 water water
#
_entity_poly.entity_id   1
_entity_poly.type   'polypeptide(L)'
_entity_poly.pdbx_seq_one_letter_code
;MYGLVNKAIQDMISKHHGEDTWEAIKQKAGLEDIDFFVGMEAYSDDVTYHLVGAASEVLGKPAEELLIAFGEYWVTYTSE
EGYGELLASAGDSLPEFMENLDNLHARVGLSFPQLRPPAFE(SNC)QHTSSKSMELHYQSTRAGLAPMVLGLLHGLGKRF
QTKVEVTQTAFRETGEDHDIFSIKYE
;
_entity_poly.pdbx_strand_id   A,B
#
loop_
_chem_comp.id
_chem_comp.type
_chem_comp.name
_chem_comp.formula
1DX non-polymer '4-({(4-carboxybutyl)[2-(5-fluoro-2-{[4'-(trifluoromethyl)biphenyl-4-yl]methoxy}phenyl)ethyl]amino}methyl)benzoic acid' 'C35 H33 F4 N O5'
MLI non-polymer 'MALONATE ION' 'C3 H2 O4 -2'
#
# COMPACT_ATOMS: atom_id res chain seq x y z
N MET A 1 5.31 9.50 6.49
CA MET A 1 4.43 8.78 7.44
C MET A 1 4.10 9.69 8.60
N TYR A 2 3.00 9.43 9.30
CA TYR A 2 2.63 10.27 10.43
C TYR A 2 3.81 10.45 11.38
N GLY A 3 4.03 11.71 11.77
CA GLY A 3 5.14 12.05 12.65
C GLY A 3 5.47 10.94 13.62
N LEU A 4 4.45 10.20 14.05
CA LEU A 4 4.62 9.20 15.10
C LEU A 4 5.85 8.34 14.85
N VAL A 5 6.06 7.96 13.59
CA VAL A 5 7.19 7.12 13.24
C VAL A 5 8.51 7.88 13.39
N ASN A 6 8.50 9.15 13.01
CA ASN A 6 9.70 9.97 13.10
C ASN A 6 10.07 10.30 14.54
N LYS A 7 9.08 10.56 15.39
CA LYS A 7 9.37 10.79 16.81
C LYS A 7 10.01 9.54 17.39
N ALA A 8 9.49 8.38 17.00
CA ALA A 8 10.00 7.09 17.48
C ALA A 8 11.47 6.93 17.13
N ILE A 9 11.82 7.15 15.87
CA ILE A 9 13.21 7.05 15.43
C ILE A 9 14.06 7.97 16.32
N GLN A 10 13.62 9.22 16.44
CA GLN A 10 14.30 10.21 17.26
C GLN A 10 14.45 9.73 18.70
N ASP A 11 13.37 9.20 19.26
CA ASP A 11 13.40 8.76 20.64
C ASP A 11 14.42 7.65 20.83
N MET A 12 14.45 6.70 19.89
CA MET A 12 15.38 5.57 19.95
C MET A 12 16.82 6.03 19.91
N ILE A 13 17.18 6.75 18.86
CA ILE A 13 18.55 7.24 18.68
C ILE A 13 18.99 8.03 19.90
N SER A 14 18.17 8.99 20.32
CA SER A 14 18.47 9.83 21.47
C SER A 14 18.69 8.99 22.72
N LYS A 15 17.77 8.07 22.98
CA LYS A 15 17.85 7.22 24.15
C LYS A 15 19.11 6.34 24.11
N HIS A 16 19.42 5.79 22.95
CA HIS A 16 20.58 4.91 22.82
C HIS A 16 21.92 5.60 22.57
N HIS A 17 21.91 6.80 21.97
CA HIS A 17 23.17 7.47 21.63
C HIS A 17 23.30 8.94 22.04
N GLY A 18 22.34 9.47 22.79
CA GLY A 18 22.39 10.86 23.24
C GLY A 18 21.92 11.86 22.21
N GLU A 19 21.57 13.06 22.68
CA GLU A 19 21.06 14.12 21.81
C GLU A 19 22.13 14.63 20.84
N ASP A 20 23.36 14.76 21.32
CA ASP A 20 24.45 15.22 20.48
C ASP A 20 24.44 14.43 19.17
N THR A 21 24.37 13.11 19.28
CA THR A 21 24.32 12.26 18.10
C THR A 21 23.04 12.53 17.32
N TRP A 22 21.91 12.46 18.02
CA TRP A 22 20.61 12.71 17.39
C TRP A 22 20.61 14.03 16.61
N GLU A 23 21.09 15.09 17.25
CA GLU A 23 21.18 16.39 16.59
C GLU A 23 22.03 16.25 15.34
N ALA A 24 23.15 15.54 15.47
CA ALA A 24 24.05 15.33 14.34
C ALA A 24 23.30 14.69 13.19
N ILE A 25 22.73 13.51 13.44
CA ILE A 25 21.98 12.76 12.44
C ILE A 25 20.88 13.62 11.81
N LYS A 26 20.30 14.50 12.61
CA LYS A 26 19.25 15.39 12.14
C LYS A 26 19.82 16.38 11.12
N GLN A 27 20.92 17.04 11.48
CA GLN A 27 21.57 18.01 10.60
C GLN A 27 22.02 17.35 9.29
N LYS A 28 22.62 16.17 9.39
CA LYS A 28 23.08 15.44 8.21
C LYS A 28 21.91 15.02 7.34
N ALA A 29 20.82 14.59 7.97
CA ALA A 29 19.63 14.19 7.23
C ALA A 29 19.02 15.41 6.56
N GLY A 30 19.66 16.58 6.78
CA GLY A 30 19.19 17.82 6.18
C GLY A 30 17.81 18.18 6.69
N LEU A 31 17.60 18.03 7.98
CA LEU A 31 16.32 18.33 8.62
C LEU A 31 16.53 19.20 9.85
N GLU A 32 17.64 19.94 9.87
CA GLU A 32 17.93 20.83 10.99
C GLU A 32 16.93 21.98 11.09
N ASP A 33 16.03 22.06 10.13
CA ASP A 33 14.96 23.06 10.16
C ASP A 33 13.90 22.59 11.16
N ILE A 34 13.26 21.47 10.85
CA ILE A 34 12.22 20.90 11.73
C ILE A 34 12.66 20.91 13.19
N ASP A 35 12.11 21.84 13.95
CA ASP A 35 12.45 22.00 15.37
C ASP A 35 12.02 20.77 16.17
N PHE A 36 10.90 20.18 15.78
CA PHE A 36 10.37 18.98 16.43
C PHE A 36 9.32 18.35 15.53
N PHE A 37 9.14 17.04 15.66
CA PHE A 37 8.16 16.32 14.85
C PHE A 37 6.80 16.30 15.55
N VAL A 38 5.73 16.41 14.77
CA VAL A 38 4.39 16.37 15.33
C VAL A 38 3.78 14.99 15.09
N GLY A 39 3.43 14.31 16.19
CA GLY A 39 2.89 12.96 16.14
C GLY A 39 1.76 12.69 15.16
N MET A 40 0.74 13.53 15.16
CA MET A 40 -0.44 13.29 14.33
C MET A 40 -0.44 14.05 13.02
N GLU A 41 0.74 14.39 12.51
CA GLU A 41 0.83 15.10 11.24
C GLU A 41 1.47 14.20 10.19
N ALA A 42 0.97 14.27 8.96
CA ALA A 42 1.48 13.43 7.87
C ALA A 42 2.71 14.06 7.20
N TYR A 43 3.81 13.31 7.16
CA TYR A 43 5.03 13.78 6.52
C TYR A 43 5.28 12.97 5.25
N SER A 44 6.29 13.39 4.50
CA SER A 44 6.65 12.68 3.28
C SER A 44 7.51 11.48 3.65
N ASP A 45 7.09 10.28 3.24
CA ASP A 45 7.84 9.07 3.53
C ASP A 45 9.35 9.29 3.45
N ASP A 46 9.76 10.22 2.59
CA ASP A 46 11.19 10.49 2.40
C ASP A 46 11.84 11.04 3.67
N VAL A 47 11.05 11.72 4.49
CA VAL A 47 11.57 12.29 5.73
C VAL A 47 12.15 11.17 6.59
N THR A 48 11.44 10.04 6.63
CA THR A 48 11.88 8.90 7.42
C THR A 48 13.15 8.28 6.84
N TYR A 49 13.13 8.00 5.54
CA TYR A 49 14.29 7.39 4.89
C TYR A 49 15.55 8.19 5.13
N HIS A 50 15.43 9.52 5.03
CA HIS A 50 16.58 10.40 5.24
C HIS A 50 17.17 10.19 6.63
N LEU A 51 16.29 10.01 7.61
CA LEU A 51 16.71 9.77 8.98
C LEU A 51 17.39 8.41 9.09
N VAL A 52 16.91 7.45 8.32
CA VAL A 52 17.48 6.12 8.31
C VAL A 52 18.84 6.15 7.62
N GLY A 53 18.93 6.92 6.54
CA GLY A 53 20.18 7.06 5.81
C GLY A 53 21.26 7.75 6.63
N ALA A 54 20.89 8.87 7.25
CA ALA A 54 21.81 9.63 8.06
C ALA A 54 22.27 8.83 9.26
N ALA A 55 21.35 8.14 9.92
CA ALA A 55 21.67 7.34 11.09
C ALA A 55 22.65 6.26 10.71
N SER A 56 22.51 5.76 9.48
CA SER A 56 23.40 4.72 8.96
C SER A 56 24.85 5.23 8.96
N GLU A 57 25.06 6.38 8.34
CA GLU A 57 26.39 6.97 8.28
C GLU A 57 26.92 7.35 9.65
N VAL A 58 26.19 8.20 10.35
CA VAL A 58 26.60 8.70 11.64
C VAL A 58 26.96 7.61 12.63
N LEU A 59 26.31 6.46 12.53
CA LEU A 59 26.55 5.38 13.48
C LEU A 59 27.42 4.25 12.91
N GLY A 60 27.67 4.30 11.60
CA GLY A 60 28.49 3.28 10.97
C GLY A 60 27.81 1.93 10.96
N LYS A 61 26.48 1.95 10.94
CA LYS A 61 25.68 0.73 10.88
C LYS A 61 24.87 0.76 9.59
N PRO A 62 24.44 -0.42 9.11
CA PRO A 62 23.66 -0.36 7.88
C PRO A 62 22.20 -0.04 8.14
N ALA A 63 21.54 0.56 7.16
CA ALA A 63 20.13 0.90 7.29
C ALA A 63 19.35 -0.33 7.75
N GLU A 64 19.46 -1.40 6.98
CA GLU A 64 18.72 -2.63 7.29
C GLU A 64 18.85 -3.00 8.75
N GLU A 65 20.02 -2.76 9.32
CA GLU A 65 20.26 -3.10 10.72
C GLU A 65 19.41 -2.23 11.65
N LEU A 66 19.57 -0.91 11.56
CA LEU A 66 18.81 0.01 12.38
C LEU A 66 17.31 -0.23 12.26
N LEU A 67 16.86 -0.55 11.04
CA LEU A 67 15.45 -0.82 10.78
C LEU A 67 14.97 -1.99 11.63
N ILE A 68 15.81 -3.00 11.79
CA ILE A 68 15.45 -4.15 12.60
C ILE A 68 15.26 -3.67 14.03
N ALA A 69 16.25 -2.95 14.54
CA ALA A 69 16.20 -2.40 15.89
C ALA A 69 14.96 -1.55 16.07
N PHE A 70 14.69 -0.69 15.09
CA PHE A 70 13.54 0.20 15.17
C PHE A 70 12.23 -0.59 15.15
N GLY A 71 12.24 -1.74 14.49
CA GLY A 71 11.07 -2.60 14.45
C GLY A 71 10.70 -3.00 15.87
N GLU A 72 11.67 -3.54 16.61
CA GLU A 72 11.45 -3.95 17.99
C GLU A 72 11.02 -2.77 18.85
N TYR A 73 11.78 -1.69 18.77
CA TYR A 73 11.53 -0.51 19.57
C TYR A 73 10.09 -0.03 19.43
N TRP A 74 9.61 0.00 18.19
CA TRP A 74 8.25 0.49 17.90
C TRP A 74 7.19 -0.16 18.78
N VAL A 75 7.25 -1.48 18.91
CA VAL A 75 6.28 -2.22 19.71
C VAL A 75 6.24 -1.73 21.15
N THR A 76 7.43 -1.47 21.70
CA THR A 76 7.55 -0.97 23.07
C THR A 76 7.12 0.48 23.14
N TYR A 77 7.74 1.29 22.28
CA TYR A 77 7.49 2.71 22.23
C TYR A 77 6.00 3.06 22.17
N THR A 78 5.27 2.40 21.27
CA THR A 78 3.85 2.68 21.12
C THR A 78 3.05 2.36 22.39
N SER A 79 3.32 1.23 23.01
CA SER A 79 2.58 0.86 24.23
C SER A 79 2.77 1.95 25.28
N GLU A 80 4.02 2.34 25.52
CA GLU A 80 4.32 3.40 26.48
C GLU A 80 3.66 4.72 26.11
N GLU A 81 4.13 5.32 25.02
CA GLU A 81 3.73 6.67 24.60
C GLU A 81 2.32 6.88 24.04
N GLY A 82 1.30 6.36 24.73
CA GLY A 82 -0.08 6.61 24.34
C GLY A 82 -0.78 5.63 23.41
N TYR A 83 -0.39 4.36 23.43
CA TYR A 83 -1.04 3.38 22.58
C TYR A 83 -1.04 1.97 23.16
N GLY A 84 -1.05 1.88 24.49
CA GLY A 84 -1.06 0.60 25.18
C GLY A 84 -2.31 -0.23 24.94
N GLU A 85 -3.47 0.33 25.23
CA GLU A 85 -4.73 -0.40 25.07
C GLU A 85 -5.04 -0.76 23.62
N LEU A 86 -4.63 0.10 22.69
CA LEU A 86 -4.83 -0.19 21.28
C LEU A 86 -4.09 -1.48 20.95
N LEU A 87 -2.86 -1.59 21.43
CA LEU A 87 -2.04 -2.78 21.20
C LEU A 87 -2.60 -3.97 21.95
N ALA A 88 -3.03 -3.72 23.18
CA ALA A 88 -3.60 -4.76 24.04
C ALA A 88 -4.86 -5.34 23.40
N SER A 89 -5.57 -4.53 22.64
CA SER A 89 -6.80 -4.96 22.00
C SER A 89 -6.52 -5.80 20.75
N ALA A 90 -5.25 -5.96 20.40
CA ALA A 90 -4.88 -6.69 19.19
C ALA A 90 -4.71 -8.19 19.43
N GLY A 91 -4.67 -8.61 20.68
CA GLY A 91 -4.55 -10.04 20.99
C GLY A 91 -3.66 -10.41 22.15
N ASP A 92 -3.66 -11.71 22.48
CA ASP A 92 -2.88 -12.26 23.58
C ASP A 92 -1.80 -13.22 23.06
N SER A 93 -1.51 -13.16 21.77
CA SER A 93 -0.48 -14.03 21.19
C SER A 93 -0.02 -13.49 19.84
N LEU A 94 1.16 -13.94 19.41
CA LEU A 94 1.73 -13.49 18.14
C LEU A 94 0.77 -13.75 16.98
N PRO A 95 0.46 -15.04 16.75
CA PRO A 95 -0.43 -15.40 15.65
C PRO A 95 -1.72 -14.57 15.64
N GLU A 96 -2.35 -14.43 16.79
CA GLU A 96 -3.58 -13.65 16.87
C GLU A 96 -3.33 -12.19 16.53
N PHE A 97 -2.34 -11.59 17.17
CA PHE A 97 -2.00 -10.20 16.95
C PHE A 97 -1.77 -9.90 15.48
N MET A 98 -1.15 -10.84 14.77
CA MET A 98 -0.85 -10.65 13.36
C MET A 98 -2.12 -10.66 12.51
N GLU A 99 -3.10 -11.47 12.91
CA GLU A 99 -4.37 -11.51 12.19
C GLU A 99 -5.14 -10.21 12.40
N ASN A 100 -4.87 -9.55 13.52
CA ASN A 100 -5.56 -8.32 13.88
C ASN A 100 -5.00 -7.05 13.25
N LEU A 101 -3.76 -7.11 12.77
CA LEU A 101 -3.17 -5.93 12.13
C LEU A 101 -4.13 -5.25 11.15
N ASP A 102 -4.52 -5.95 10.10
CA ASP A 102 -5.42 -5.35 9.12
C ASP A 102 -6.58 -4.67 9.85
N ASN A 103 -7.19 -5.36 10.80
CA ASN A 103 -8.27 -4.79 11.60
C ASN A 103 -7.75 -3.58 12.37
N LEU A 104 -6.67 -3.80 13.11
CA LEU A 104 -6.07 -2.76 13.93
C LEU A 104 -5.82 -1.47 13.14
N HIS A 105 -5.20 -1.59 11.97
CA HIS A 105 -4.90 -0.42 11.15
C HIS A 105 -6.18 0.27 10.69
N ALA A 106 -7.15 -0.50 10.21
CA ALA A 106 -8.41 0.06 9.78
C ALA A 106 -8.92 0.91 10.94
N ARG A 107 -8.93 0.26 12.10
CA ARG A 107 -9.35 0.87 13.36
C ARG A 107 -8.63 2.21 13.59
N VAL A 108 -7.39 2.31 13.14
CA VAL A 108 -6.60 3.52 13.33
C VAL A 108 -6.83 4.55 12.22
N GLY A 109 -6.83 4.08 10.97
CA GLY A 109 -7.00 4.96 9.83
C GLY A 109 -8.24 5.84 9.94
N LEU A 110 -9.27 5.32 10.61
CA LEU A 110 -10.52 6.07 10.80
C LEU A 110 -10.24 7.42 11.44
N SER A 111 -9.35 7.44 12.44
CA SER A 111 -8.99 8.67 13.11
C SER A 111 -8.10 9.51 12.19
N PHE A 112 -7.13 8.83 11.57
CA PHE A 112 -6.17 9.47 10.68
C PHE A 112 -6.29 8.83 9.30
N PRO A 113 -6.89 9.57 8.35
CA PRO A 113 -7.17 9.09 6.99
C PRO A 113 -5.99 9.05 6.04
N GLN A 114 -5.00 9.90 6.28
CA GLN A 114 -3.83 9.94 5.40
C GLN A 114 -2.91 8.76 5.70
N LEU A 115 -3.42 7.80 6.44
CA LEU A 115 -2.67 6.59 6.79
C LEU A 115 -2.65 5.63 5.61
N ARG A 116 -1.45 5.18 5.24
CA ARG A 116 -1.31 4.22 4.16
C ARG A 116 -0.76 2.92 4.73
N PRO A 117 -1.64 2.15 5.39
CA PRO A 117 -1.33 0.89 6.06
C PRO A 117 -0.96 -0.24 5.12
N PRO A 118 -0.07 -1.13 5.58
CA PRO A 118 0.33 -2.30 4.81
C PRO A 118 -0.64 -3.45 5.08
N ALA A 119 -0.65 -4.43 4.18
CA ALA A 119 -1.52 -5.59 4.36
C ALA A 119 -0.70 -6.75 4.92
N PHE A 120 -1.30 -7.52 5.83
CA PHE A 120 -0.61 -8.65 6.43
C PHE A 120 -1.45 -9.93 6.40
N GLU A 121 -1.25 -10.77 5.39
CA GLU A 121 -1.96 -12.05 5.33
C GLU A 121 -1.16 -13.13 6.04
N SNC A 122 -1.87 -14.15 6.53
CA SNC A 122 -1.25 -15.24 7.26
CB SNC A 122 -1.52 -15.07 8.74
SG SNC A 122 -0.79 -13.59 9.37
ND SNC A 122 0.40 -14.12 10.34
OE SNC A 122 1.24 -14.88 9.91
C SNC A 122 -1.80 -16.60 6.96
O SNC A 122 -2.97 -16.87 7.23
N GLN A 123 -0.99 -17.47 6.34
CA GLN A 123 -1.40 -18.86 6.16
C GLN A 123 -0.74 -19.64 7.29
N HIS A 124 -1.53 -20.09 8.26
CA HIS A 124 -1.01 -20.85 9.39
C HIS A 124 -0.70 -22.29 8.97
N THR A 125 0.50 -22.51 8.46
CA THR A 125 0.93 -23.83 8.02
C THR A 125 0.72 -24.89 9.10
N SER A 126 0.94 -24.51 10.36
CA SER A 126 0.74 -25.42 11.49
C SER A 126 0.40 -24.64 12.75
N SER A 127 0.66 -25.24 13.91
CA SER A 127 0.36 -24.61 15.20
C SER A 127 1.59 -23.92 15.80
N LYS A 128 2.70 -23.96 15.06
CA LYS A 128 3.93 -23.31 15.48
C LYS A 128 4.60 -22.70 14.25
N SER A 129 3.91 -22.75 13.13
CA SER A 129 4.45 -22.25 11.87
C SER A 129 3.40 -21.53 11.04
N MET A 130 3.75 -20.36 10.53
CA MET A 130 2.85 -19.60 9.66
C MET A 130 3.65 -18.80 8.64
N GLU A 131 3.02 -18.54 7.50
CA GLU A 131 3.66 -17.81 6.42
C GLU A 131 3.05 -16.41 6.33
N LEU A 132 3.88 -15.39 6.48
CA LEU A 132 3.42 -14.01 6.49
C LEU A 132 3.65 -13.26 5.19
N HIS A 133 2.58 -12.72 4.63
CA HIS A 133 2.68 -11.91 3.41
C HIS A 133 2.62 -10.44 3.82
N TYR A 134 3.67 -9.70 3.49
CA TYR A 134 3.72 -8.29 3.84
C TYR A 134 3.61 -7.45 2.57
N GLN A 135 2.55 -6.65 2.51
CA GLN A 135 2.29 -5.79 1.35
C GLN A 135 2.26 -4.34 1.83
N SER A 136 3.02 -3.49 1.17
CA SER A 136 3.13 -2.10 1.59
C SER A 136 3.23 -1.13 0.41
N THR A 137 2.88 0.12 0.67
CA THR A 137 3.01 1.16 -0.35
C THR A 137 4.40 1.75 -0.25
N ARG A 138 5.18 1.31 0.73
CA ARG A 138 6.56 1.75 0.89
C ARG A 138 7.54 0.66 0.45
N ALA A 139 8.81 1.05 0.33
CA ALA A 139 9.84 0.12 -0.06
C ALA A 139 10.97 0.11 0.96
N GLY A 140 11.54 -1.08 1.17
CA GLY A 140 12.71 -1.24 2.05
C GLY A 140 12.48 -1.33 3.54
N LEU A 141 11.26 -1.67 3.95
CA LEU A 141 10.96 -1.78 5.37
C LEU A 141 10.76 -3.22 5.84
N ALA A 142 11.15 -4.16 4.99
CA ALA A 142 11.04 -5.57 5.38
C ALA A 142 11.77 -5.76 6.69
N PRO A 143 13.03 -5.27 6.77
CA PRO A 143 13.84 -5.40 7.97
C PRO A 143 13.12 -4.90 9.22
N MET A 144 12.34 -3.83 9.07
CA MET A 144 11.59 -3.32 10.22
C MET A 144 10.56 -4.35 10.66
N VAL A 145 9.89 -4.97 9.69
CA VAL A 145 8.92 -6.01 10.00
C VAL A 145 9.61 -7.11 10.81
N LEU A 146 10.82 -7.45 10.40
CA LEU A 146 11.62 -8.45 11.10
C LEU A 146 11.73 -8.06 12.58
N GLY A 147 12.09 -6.81 12.82
CA GLY A 147 12.20 -6.30 14.18
C GLY A 147 10.86 -6.29 14.87
N LEU A 148 9.83 -5.85 14.16
CA LEU A 148 8.47 -5.81 14.71
C LEU A 148 8.06 -7.18 15.26
N LEU A 149 8.30 -8.22 14.48
CA LEU A 149 7.99 -9.58 14.90
C LEU A 149 8.68 -9.91 16.23
N HIS A 150 10.00 -9.83 16.24
CA HIS A 150 10.74 -10.11 17.48
C HIS A 150 10.20 -9.32 18.65
N GLY A 151 9.89 -8.04 18.41
CA GLY A 151 9.31 -7.20 19.46
C GLY A 151 8.03 -7.82 20.01
N LEU A 152 7.22 -8.37 19.09
CA LEU A 152 5.98 -9.03 19.48
C LEU A 152 6.31 -10.31 20.24
N GLY A 153 7.41 -10.95 19.88
CA GLY A 153 7.87 -12.15 20.56
C GLY A 153 8.18 -11.86 22.01
N LYS A 154 8.80 -10.70 22.26
CA LYS A 154 9.14 -10.32 23.63
C LYS A 154 7.87 -9.96 24.37
N ARG A 155 6.97 -9.27 23.70
CA ARG A 155 5.71 -8.85 24.31
C ARG A 155 4.87 -10.03 24.78
N PHE A 156 5.01 -11.17 24.12
CA PHE A 156 4.26 -12.37 24.51
C PHE A 156 5.22 -13.48 24.95
N GLN A 157 6.33 -13.09 25.57
CA GLN A 157 7.34 -14.08 25.96
C GLN A 157 7.26 -15.35 25.10
N THR A 158 7.43 -15.17 23.80
CA THR A 158 7.38 -16.28 22.84
C THR A 158 8.64 -16.28 21.99
N LYS A 159 9.33 -17.42 21.95
CA LYS A 159 10.54 -17.58 21.15
C LYS A 159 10.06 -17.66 19.70
N VAL A 160 10.69 -16.90 18.80
CA VAL A 160 10.27 -16.90 17.40
C VAL A 160 11.41 -16.74 16.41
N GLU A 161 11.44 -17.62 15.40
CA GLU A 161 12.47 -17.56 14.36
C GLU A 161 11.83 -17.01 13.10
N VAL A 162 12.33 -15.87 12.62
CA VAL A 162 11.81 -15.26 11.40
C VAL A 162 12.85 -15.28 10.28
N THR A 163 12.45 -15.79 9.12
CA THR A 163 13.33 -15.82 7.96
C THR A 163 12.50 -15.44 6.74
N GLN A 164 13.06 -14.59 5.88
CA GLN A 164 12.36 -14.09 4.71
C GLN A 164 12.63 -14.92 3.46
N THR A 165 11.58 -15.41 2.83
CA THR A 165 11.70 -16.29 1.67
C THR A 165 11.43 -15.61 0.33
N ALA A 166 11.06 -14.33 0.36
CA ALA A 166 10.79 -13.58 -0.87
C ALA A 166 10.97 -12.09 -0.60
N PHE A 167 11.57 -11.39 -1.56
CA PHE A 167 11.86 -9.97 -1.41
C PHE A 167 11.28 -9.12 -2.53
N ARG A 168 10.51 -8.11 -2.15
CA ARG A 168 9.94 -7.18 -3.12
C ARG A 168 11.03 -6.46 -3.89
N GLU A 169 11.92 -5.83 -3.14
CA GLU A 169 12.98 -5.01 -3.72
C GLU A 169 13.72 -5.68 -4.87
N THR A 170 13.60 -7.00 -5.00
CA THR A 170 14.31 -7.73 -6.04
C THR A 170 13.41 -8.18 -7.18
N GLY A 171 12.24 -7.54 -7.31
CA GLY A 171 11.31 -7.88 -8.38
C GLY A 171 10.02 -8.54 -7.91
N GLU A 172 10.17 -9.58 -7.10
CA GLU A 172 9.03 -10.33 -6.57
C GLU A 172 7.90 -9.43 -6.07
N ASP A 173 6.67 -9.83 -6.41
CA ASP A 173 5.48 -9.07 -6.07
C ASP A 173 5.54 -8.42 -4.69
N HIS A 174 5.71 -9.24 -3.66
CA HIS A 174 5.75 -8.73 -2.29
C HIS A 174 6.58 -9.62 -1.36
N ASP A 175 6.98 -9.05 -0.23
CA ASP A 175 7.78 -9.76 0.77
C ASP A 175 6.99 -10.90 1.42
N ILE A 176 7.67 -12.01 1.66
CA ILE A 176 7.05 -13.17 2.30
C ILE A 176 8.01 -13.72 3.33
N PHE A 177 7.51 -13.93 4.55
CA PHE A 177 8.33 -14.46 5.63
C PHE A 177 7.81 -15.81 6.09
N SER A 178 8.70 -16.66 6.57
CA SER A 178 8.34 -17.95 7.15
C SER A 178 8.63 -17.82 8.63
N ILE A 179 7.65 -18.17 9.46
CA ILE A 179 7.79 -17.98 10.90
C ILE A 179 7.56 -19.22 11.76
N LYS A 180 8.49 -19.46 12.69
CA LYS A 180 8.39 -20.54 13.64
C LYS A 180 8.33 -19.88 15.03
N TYR A 181 7.55 -20.43 15.95
CA TYR A 181 7.45 -19.83 17.29
C TYR A 181 7.12 -20.82 18.41
N GLU A 182 7.63 -20.52 19.61
CA GLU A 182 7.44 -21.40 20.77
C GLU A 182 5.96 -21.57 21.06
N MET B 1 -9.34 -7.47 -3.57
CA MET B 1 -9.98 -6.16 -3.82
C MET B 1 -11.49 -6.27 -3.67
N TYR B 2 -12.12 -5.23 -3.13
CA TYR B 2 -13.56 -5.22 -2.95
C TYR B 2 -14.28 -5.68 -4.22
N GLY B 3 -15.28 -6.54 -4.03
CA GLY B 3 -16.05 -7.08 -5.14
C GLY B 3 -16.28 -6.10 -6.26
N LEU B 4 -16.63 -4.87 -5.89
CA LEU B 4 -16.90 -3.82 -6.87
C LEU B 4 -15.96 -3.97 -8.05
N VAL B 5 -14.67 -4.07 -7.75
CA VAL B 5 -13.64 -4.22 -8.79
C VAL B 5 -13.96 -5.39 -9.70
N ASN B 6 -14.28 -6.53 -9.10
CA ASN B 6 -14.59 -7.74 -9.85
C ASN B 6 -15.90 -7.64 -10.61
N LYS B 7 -16.88 -6.91 -10.07
CA LYS B 7 -18.12 -6.68 -10.79
C LYS B 7 -17.79 -5.84 -12.02
N ALA B 8 -16.84 -4.91 -11.84
CA ALA B 8 -16.38 -4.05 -12.92
C ALA B 8 -15.82 -4.88 -14.07
N ILE B 9 -14.87 -5.76 -13.75
CA ILE B 9 -14.28 -6.63 -14.78
C ILE B 9 -15.37 -7.41 -15.50
N GLN B 10 -16.28 -8.01 -14.72
CA GLN B 10 -17.38 -8.77 -15.30
C GLN B 10 -18.25 -7.93 -16.21
N ASP B 11 -18.71 -6.80 -15.67
CA ASP B 11 -19.59 -5.90 -16.42
C ASP B 11 -18.96 -5.46 -17.74
N MET B 12 -17.64 -5.26 -17.73
CA MET B 12 -16.95 -4.82 -18.94
C MET B 12 -16.85 -5.93 -19.97
N ILE B 13 -16.49 -7.12 -19.50
CA ILE B 13 -16.33 -8.27 -20.37
C ILE B 13 -17.65 -8.80 -20.90
N SER B 14 -18.75 -8.26 -20.38
CA SER B 14 -20.08 -8.66 -20.82
C SER B 14 -20.59 -7.63 -21.83
N LYS B 15 -20.33 -6.36 -21.53
CA LYS B 15 -20.78 -5.26 -22.38
C LYS B 15 -19.91 -5.16 -23.63
N HIS B 16 -18.95 -6.07 -23.78
CA HIS B 16 -18.07 -6.07 -24.94
C HIS B 16 -17.84 -7.46 -25.55
N HIS B 17 -18.29 -8.51 -24.86
CA HIS B 17 -18.08 -9.88 -25.37
C HIS B 17 -19.21 -10.86 -25.04
N GLY B 18 -20.19 -10.41 -24.27
CA GLY B 18 -21.35 -11.23 -23.92
C GLY B 18 -21.14 -12.21 -22.78
N GLU B 19 -22.24 -12.56 -22.11
CA GLU B 19 -22.23 -13.52 -21.01
C GLU B 19 -21.37 -14.71 -21.36
N ASP B 20 -21.76 -15.43 -22.41
CA ASP B 20 -21.02 -16.59 -22.87
C ASP B 20 -19.52 -16.43 -22.61
N THR B 21 -18.88 -15.54 -23.36
CA THR B 21 -17.46 -15.29 -23.22
C THR B 21 -17.11 -15.14 -21.76
N TRP B 22 -17.77 -14.20 -21.09
CA TRP B 22 -17.53 -13.95 -19.67
C TRP B 22 -17.52 -15.24 -18.84
N GLU B 23 -18.53 -16.08 -19.02
CA GLU B 23 -18.61 -17.34 -18.28
C GLU B 23 -17.36 -18.18 -18.53
N ALA B 24 -16.89 -18.20 -19.76
CA ALA B 24 -15.69 -18.98 -20.11
C ALA B 24 -14.50 -18.44 -19.32
N ILE B 25 -14.41 -17.11 -19.24
CA ILE B 25 -13.33 -16.45 -18.50
C ILE B 25 -13.45 -16.76 -17.02
N LYS B 26 -14.67 -16.74 -16.52
CA LYS B 26 -14.94 -17.03 -15.11
C LYS B 26 -14.53 -18.48 -14.82
N GLN B 27 -14.75 -19.35 -15.79
CA GLN B 27 -14.44 -20.77 -15.66
C GLN B 27 -12.93 -20.97 -15.53
N LYS B 28 -12.20 -20.58 -16.57
CA LYS B 28 -10.74 -20.75 -16.58
C LYS B 28 -10.11 -20.07 -15.38
N ALA B 29 -10.65 -18.92 -14.99
CA ALA B 29 -10.14 -18.19 -13.85
C ALA B 29 -10.05 -19.14 -12.64
N GLY B 30 -10.63 -20.32 -12.82
CA GLY B 30 -10.62 -21.33 -11.76
C GLY B 30 -11.49 -20.93 -10.59
N LEU B 31 -12.75 -20.63 -10.88
CA LEU B 31 -13.70 -20.22 -9.84
C LEU B 31 -15.09 -20.03 -10.40
N GLU B 32 -15.84 -21.12 -10.54
CA GLU B 32 -17.22 -21.05 -10.99
C GLU B 32 -18.17 -21.28 -9.81
N ASP B 33 -17.59 -21.46 -8.63
CA ASP B 33 -18.37 -21.60 -7.40
C ASP B 33 -19.03 -20.27 -7.11
N ILE B 34 -18.32 -19.18 -7.41
CA ILE B 34 -18.85 -17.84 -7.18
C ILE B 34 -20.10 -17.64 -8.04
N ASP B 35 -21.23 -17.43 -7.37
CA ASP B 35 -22.51 -17.23 -8.07
C ASP B 35 -22.56 -15.80 -8.57
N PHE B 36 -22.00 -14.90 -7.78
CA PHE B 36 -21.92 -13.48 -8.09
C PHE B 36 -21.03 -12.79 -7.07
N PHE B 37 -20.43 -11.66 -7.46
CA PHE B 37 -19.54 -10.93 -6.57
C PHE B 37 -20.35 -9.94 -5.73
N VAL B 38 -19.94 -9.75 -4.47
CA VAL B 38 -20.61 -8.83 -3.58
C VAL B 38 -19.78 -7.55 -3.46
N GLY B 39 -20.26 -6.49 -4.11
CA GLY B 39 -19.56 -5.21 -4.16
C GLY B 39 -18.76 -4.81 -2.94
N MET B 40 -19.39 -4.84 -1.77
CA MET B 40 -18.74 -4.38 -0.54
C MET B 40 -18.01 -5.48 0.22
N GLU B 41 -18.01 -6.69 -0.33
CA GLU B 41 -17.30 -7.79 0.30
C GLU B 41 -15.86 -7.82 -0.19
N ALA B 42 -14.91 -7.94 0.73
CA ALA B 42 -13.50 -7.97 0.38
C ALA B 42 -13.09 -9.34 -0.14
N TYR B 43 -12.38 -9.35 -1.26
CA TYR B 43 -11.90 -10.58 -1.88
C TYR B 43 -10.38 -10.61 -1.91
N SER B 44 -9.83 -11.81 -2.11
CA SER B 44 -8.40 -11.98 -2.22
C SER B 44 -7.93 -11.50 -3.59
N ASP B 45 -7.01 -10.55 -3.59
CA ASP B 45 -6.48 -9.99 -4.83
C ASP B 45 -6.39 -11.03 -5.95
N ASP B 46 -5.80 -12.19 -5.63
CA ASP B 46 -5.66 -13.25 -6.63
C ASP B 46 -6.86 -13.32 -7.54
N VAL B 47 -8.04 -13.40 -6.95
CA VAL B 47 -9.28 -13.52 -7.73
C VAL B 47 -9.26 -12.61 -8.95
N THR B 48 -8.87 -11.36 -8.74
CA THR B 48 -8.81 -10.38 -9.83
C THR B 48 -7.78 -10.78 -10.87
N TYR B 49 -6.57 -11.09 -10.41
CA TYR B 49 -5.50 -11.46 -11.32
C TYR B 49 -5.87 -12.66 -12.19
N HIS B 50 -6.53 -13.65 -11.59
CA HIS B 50 -6.94 -14.84 -12.34
C HIS B 50 -7.91 -14.45 -13.44
N LEU B 51 -8.81 -13.52 -13.13
CA LEU B 51 -9.78 -13.04 -14.12
C LEU B 51 -9.04 -12.29 -15.23
N VAL B 52 -8.08 -11.46 -14.84
CA VAL B 52 -7.32 -10.68 -15.80
C VAL B 52 -6.46 -11.64 -16.64
N GLY B 53 -5.84 -12.60 -15.98
CA GLY B 53 -5.02 -13.60 -16.67
C GLY B 53 -5.89 -14.55 -17.46
N ALA B 54 -6.99 -14.97 -16.86
CA ALA B 54 -7.92 -15.88 -17.51
C ALA B 54 -8.58 -15.21 -18.71
N ALA B 55 -8.65 -13.88 -18.68
CA ALA B 55 -9.29 -13.12 -19.74
C ALA B 55 -8.35 -12.97 -20.94
N SER B 56 -7.11 -12.58 -20.66
CA SER B 56 -6.11 -12.39 -21.71
C SER B 56 -6.00 -13.63 -22.58
N GLU B 57 -5.89 -14.78 -21.92
CA GLU B 57 -5.75 -16.06 -22.60
C GLU B 57 -6.95 -16.33 -23.51
N VAL B 58 -8.15 -16.07 -23.00
CA VAL B 58 -9.39 -16.32 -23.73
C VAL B 58 -9.66 -15.32 -24.85
N LEU B 59 -9.42 -14.04 -24.60
CA LEU B 59 -9.68 -13.00 -25.59
C LEU B 59 -8.55 -12.89 -26.62
N GLY B 60 -7.38 -13.42 -26.28
CA GLY B 60 -6.25 -13.36 -27.19
C GLY B 60 -5.57 -12.00 -27.20
N LYS B 61 -5.77 -11.25 -26.13
CA LYS B 61 -5.15 -9.93 -25.98
C LYS B 61 -4.12 -10.02 -24.87
N PRO B 62 -3.17 -9.08 -24.84
CA PRO B 62 -2.21 -9.13 -23.74
C PRO B 62 -2.83 -8.59 -22.47
N ALA B 63 -2.41 -9.13 -21.32
CA ALA B 63 -2.96 -8.70 -20.03
C ALA B 63 -2.92 -7.19 -19.85
N GLU B 64 -1.78 -6.57 -20.15
CA GLU B 64 -1.65 -5.13 -19.99
C GLU B 64 -2.77 -4.39 -20.69
N GLU B 65 -3.08 -4.80 -21.91
CA GLU B 65 -4.11 -4.13 -22.70
C GLU B 65 -5.46 -4.27 -22.01
N LEU B 66 -5.65 -5.34 -21.26
CA LEU B 66 -6.89 -5.52 -20.52
C LEU B 66 -6.94 -4.61 -19.30
N LEU B 67 -5.80 -4.45 -18.63
CA LEU B 67 -5.74 -3.56 -17.47
C LEU B 67 -5.87 -2.13 -17.93
N ILE B 68 -5.49 -1.87 -19.17
CA ILE B 68 -5.59 -0.53 -19.73
C ILE B 68 -7.06 -0.20 -19.98
N ALA B 69 -7.74 -1.07 -20.70
CA ALA B 69 -9.14 -0.89 -21.00
C ALA B 69 -9.94 -0.79 -19.71
N PHE B 70 -9.67 -1.70 -18.79
CA PHE B 70 -10.36 -1.73 -17.51
C PHE B 70 -10.11 -0.44 -16.71
N GLY B 71 -8.90 0.09 -16.83
CA GLY B 71 -8.52 1.31 -16.13
C GLY B 71 -9.40 2.49 -16.53
N GLU B 72 -9.69 2.62 -17.81
CA GLU B 72 -10.52 3.72 -18.29
C GLU B 72 -12.00 3.35 -18.30
N TYR B 73 -12.31 2.11 -17.93
CA TYR B 73 -13.70 1.68 -17.85
C TYR B 73 -14.19 1.95 -16.43
N TRP B 74 -13.26 1.81 -15.50
CA TRP B 74 -13.52 2.01 -14.08
C TRP B 74 -14.04 3.42 -13.81
N VAL B 75 -13.63 4.38 -14.62
CA VAL B 75 -14.04 5.77 -14.43
C VAL B 75 -15.50 6.01 -14.83
N THR B 76 -15.99 5.22 -15.77
CA THR B 76 -17.38 5.31 -16.18
C THR B 76 -18.24 4.50 -15.22
N TYR B 77 -17.90 3.22 -15.10
CA TYR B 77 -18.61 2.30 -14.25
C TYR B 77 -18.89 2.89 -12.86
N THR B 78 -17.86 3.37 -12.19
CA THR B 78 -18.02 3.91 -10.84
C THR B 78 -18.96 5.10 -10.78
N SER B 79 -19.13 5.81 -11.89
CA SER B 79 -20.01 6.97 -11.90
C SER B 79 -21.46 6.55 -12.04
N GLU B 80 -21.69 5.47 -12.77
CA GLU B 80 -23.04 5.00 -13.07
C GLU B 80 -23.49 3.81 -12.23
N GLU B 81 -22.82 3.58 -11.10
CA GLU B 81 -23.16 2.45 -10.26
C GLU B 81 -23.07 2.75 -8.77
N GLY B 82 -23.27 4.01 -8.40
CA GLY B 82 -23.29 4.38 -6.98
C GLY B 82 -22.28 5.42 -6.49
N TYR B 83 -21.20 5.62 -7.22
CA TYR B 83 -20.18 6.57 -6.76
C TYR B 83 -20.03 7.74 -7.72
N GLY B 84 -21.14 8.18 -8.28
CA GLY B 84 -21.15 9.29 -9.22
C GLY B 84 -20.78 10.62 -8.57
N GLU B 85 -21.38 10.91 -7.42
CA GLU B 85 -21.09 12.17 -6.72
C GLU B 85 -19.76 12.11 -5.97
N LEU B 86 -19.30 10.91 -5.68
CA LEU B 86 -18.01 10.74 -5.01
C LEU B 86 -16.93 11.24 -5.96
N LEU B 87 -17.11 10.98 -7.25
CA LEU B 87 -16.15 11.42 -8.25
C LEU B 87 -16.27 12.94 -8.48
N ALA B 88 -17.45 13.37 -8.90
CA ALA B 88 -17.69 14.78 -9.17
C ALA B 88 -16.95 15.65 -8.15
N SER B 89 -17.07 15.27 -6.88
CA SER B 89 -16.44 16.03 -5.79
C SER B 89 -14.92 15.89 -5.79
N ALA B 90 -14.40 14.92 -6.55
CA ALA B 90 -12.96 14.71 -6.64
C ALA B 90 -12.32 15.86 -7.41
N GLY B 91 -13.14 16.58 -8.17
CA GLY B 91 -12.67 17.74 -8.93
C GLY B 91 -13.39 17.97 -10.25
N ASP B 92 -12.78 18.81 -11.08
CA ASP B 92 -13.30 19.09 -12.40
C ASP B 92 -12.16 19.45 -13.33
N SER B 93 -10.98 18.90 -13.03
CA SER B 93 -9.78 19.08 -13.85
C SER B 93 -8.78 17.99 -13.51
N LEU B 94 -8.29 17.30 -14.54
CA LEU B 94 -7.38 16.17 -14.37
C LEU B 94 -6.45 16.33 -13.16
N PRO B 95 -5.68 17.43 -13.11
CA PRO B 95 -4.75 17.67 -12.00
C PRO B 95 -5.42 17.70 -10.62
N GLU B 96 -6.50 18.46 -10.47
CA GLU B 96 -7.18 18.53 -9.17
C GLU B 96 -7.62 17.15 -8.71
N PHE B 97 -8.28 16.42 -9.60
CA PHE B 97 -8.74 15.07 -9.28
C PHE B 97 -7.61 14.24 -8.68
N MET B 98 -6.43 14.33 -9.27
CA MET B 98 -5.29 13.55 -8.80
C MET B 98 -4.89 13.95 -7.38
N GLU B 99 -4.78 15.25 -7.14
CA GLU B 99 -4.44 15.77 -5.82
C GLU B 99 -5.43 15.29 -4.76
N ASN B 100 -6.65 14.98 -5.19
CA ASN B 100 -7.71 14.55 -4.29
C ASN B 100 -7.87 13.05 -4.11
N LEU B 101 -7.23 12.25 -4.97
CA LEU B 101 -7.34 10.80 -4.85
C LEU B 101 -7.11 10.33 -3.42
N ASP B 102 -5.94 10.62 -2.87
CA ASP B 102 -5.67 10.19 -1.51
C ASP B 102 -6.89 10.48 -0.63
N ASN B 103 -7.38 11.71 -0.72
CA ASN B 103 -8.55 12.12 0.04
C ASN B 103 -9.79 11.33 -0.35
N LEU B 104 -10.00 11.16 -1.65
CA LEU B 104 -11.14 10.40 -2.14
C LEU B 104 -11.10 9.01 -1.53
N HIS B 105 -9.98 8.31 -1.71
CA HIS B 105 -9.82 6.98 -1.15
C HIS B 105 -9.98 7.00 0.36
N ALA B 106 -9.41 8.02 1.02
CA ALA B 106 -9.55 8.15 2.46
C ALA B 106 -11.05 8.21 2.81
N ARG B 107 -11.77 9.08 2.12
CA ARG B 107 -13.20 9.24 2.35
C ARG B 107 -13.94 7.92 2.17
N VAL B 108 -13.44 7.10 1.25
CA VAL B 108 -14.06 5.79 1.00
C VAL B 108 -13.62 4.78 2.05
N GLY B 109 -12.33 4.80 2.40
CA GLY B 109 -11.75 3.87 3.35
C GLY B 109 -12.54 3.73 4.63
N LEU B 110 -13.20 4.81 5.04
CA LEU B 110 -14.02 4.79 6.24
C LEU B 110 -15.09 3.72 6.11
N SER B 111 -16.12 4.03 5.32
CA SER B 111 -17.21 3.09 5.09
C SER B 111 -16.72 1.64 5.11
N PHE B 112 -15.72 1.37 4.27
CA PHE B 112 -15.15 0.02 4.13
C PHE B 112 -13.72 0.02 4.65
N PRO B 113 -13.56 0.14 5.97
CA PRO B 113 -12.29 0.26 6.69
C PRO B 113 -11.17 -0.68 6.24
N GLN B 114 -11.48 -1.77 5.57
CA GLN B 114 -10.44 -2.70 5.12
C GLN B 114 -9.98 -2.44 3.68
N LEU B 115 -10.25 -1.23 3.20
CA LEU B 115 -9.81 -0.81 1.88
C LEU B 115 -8.30 -0.60 1.98
N ARG B 116 -7.58 -0.92 0.91
CA ARG B 116 -6.13 -0.72 0.87
C ARG B 116 -5.80 0.20 -0.28
N PRO B 117 -6.01 1.50 -0.07
CA PRO B 117 -5.82 2.54 -1.07
C PRO B 117 -4.37 2.81 -1.42
N PRO B 118 -4.06 2.88 -2.72
CA PRO B 118 -2.73 3.23 -3.16
C PRO B 118 -2.50 4.71 -2.91
N ALA B 119 -1.27 5.16 -3.05
CA ALA B 119 -0.96 6.58 -2.83
C ALA B 119 -0.58 7.25 -4.14
N PHE B 120 -1.11 8.45 -4.36
CA PHE B 120 -0.82 9.23 -5.56
C PHE B 120 -0.28 10.62 -5.20
N GLU B 121 1.03 10.80 -5.36
CA GLU B 121 1.70 12.08 -5.14
C GLU B 121 1.93 12.76 -6.49
N SNC B 122 1.76 14.07 -6.54
CA SNC B 122 1.96 14.81 -7.78
CB SNC B 122 0.65 15.44 -8.26
SG SNC B 122 -0.64 14.25 -8.64
C SNC B 122 2.99 15.92 -7.63
O SNC B 122 2.92 16.72 -6.69
N GLN B 123 3.95 15.93 -8.53
CA GLN B 123 4.94 16.99 -8.60
C GLN B 123 4.67 17.69 -9.92
N HIS B 124 4.05 18.86 -9.84
CA HIS B 124 3.69 19.64 -11.01
C HIS B 124 4.91 20.29 -11.63
N THR B 125 5.15 19.95 -12.90
CA THR B 125 6.28 20.48 -13.64
C THR B 125 5.86 21.70 -14.47
N SER B 126 4.57 22.00 -14.46
CA SER B 126 4.02 23.16 -15.17
C SER B 126 2.50 23.10 -15.15
N SER B 127 1.86 24.08 -15.78
CA SER B 127 0.41 24.15 -15.78
C SER B 127 -0.19 23.23 -16.85
N LYS B 128 0.60 22.30 -17.35
CA LYS B 128 0.12 21.37 -18.37
C LYS B 128 0.75 19.99 -18.25
N SER B 129 1.75 19.88 -17.37
CA SER B 129 2.44 18.60 -17.19
C SER B 129 2.75 18.37 -15.72
N MET B 130 2.79 17.11 -15.33
CA MET B 130 3.08 16.76 -13.94
C MET B 130 3.72 15.38 -13.89
N GLU B 131 4.35 15.08 -12.76
CA GLU B 131 4.97 13.79 -12.55
C GLU B 131 4.16 13.08 -11.46
N LEU B 132 3.60 11.93 -11.80
CA LEU B 132 2.74 11.21 -10.88
C LEU B 132 3.49 10.06 -10.22
N HIS B 133 3.38 9.99 -8.90
CA HIS B 133 4.00 8.91 -8.14
C HIS B 133 2.91 7.97 -7.67
N TYR B 134 2.99 6.72 -8.11
CA TYR B 134 1.99 5.73 -7.77
C TYR B 134 2.60 4.62 -6.92
N GLN B 135 2.13 4.53 -5.68
CA GLN B 135 2.63 3.54 -4.74
C GLN B 135 1.49 2.62 -4.31
N SER B 136 1.66 1.33 -4.52
CA SER B 136 0.61 0.36 -4.24
C SER B 136 1.05 -0.79 -3.36
N THR B 137 0.06 -1.45 -2.76
CA THR B 137 0.31 -2.62 -1.96
C THR B 137 0.25 -3.82 -2.89
N ARG B 138 -0.21 -3.56 -4.11
CA ARG B 138 -0.36 -4.59 -5.12
C ARG B 138 0.66 -4.42 -6.25
N ALA B 139 0.85 -5.49 -7.03
CA ALA B 139 1.81 -5.47 -8.12
C ALA B 139 1.17 -5.58 -9.50
N GLY B 140 1.85 -5.01 -10.49
CA GLY B 140 1.44 -5.08 -11.89
C GLY B 140 0.18 -4.38 -12.32
N LEU B 141 -0.20 -3.30 -11.65
CA LEU B 141 -1.39 -2.53 -12.03
C LEU B 141 -1.03 -1.20 -12.68
N ALA B 142 0.25 -1.03 -13.00
CA ALA B 142 0.71 0.19 -13.65
C ALA B 142 -0.09 0.40 -14.93
N PRO B 143 -0.43 -0.69 -15.63
CA PRO B 143 -1.21 -0.60 -16.85
C PRO B 143 -2.64 -0.12 -16.62
N MET B 144 -3.14 -0.26 -15.39
CA MET B 144 -4.50 0.20 -15.08
C MET B 144 -4.43 1.70 -14.85
N VAL B 145 -3.32 2.17 -14.32
CA VAL B 145 -3.13 3.60 -14.09
C VAL B 145 -3.15 4.35 -15.41
N LEU B 146 -2.56 3.77 -16.46
CA LEU B 146 -2.63 4.38 -17.78
C LEU B 146 -4.09 4.50 -18.19
N GLY B 147 -4.82 3.39 -18.06
CA GLY B 147 -6.24 3.39 -18.38
C GLY B 147 -6.97 4.44 -17.57
N LEU B 148 -6.86 4.35 -16.25
CA LEU B 148 -7.50 5.30 -15.37
C LEU B 148 -7.24 6.74 -15.80
N LEU B 149 -6.01 7.02 -16.21
CA LEU B 149 -5.65 8.38 -16.63
C LEU B 149 -6.41 8.81 -17.87
N HIS B 150 -6.47 7.94 -18.87
CA HIS B 150 -7.21 8.26 -20.08
C HIS B 150 -8.70 8.36 -19.81
N GLY B 151 -9.16 7.65 -18.78
CA GLY B 151 -10.56 7.72 -18.38
C GLY B 151 -10.86 9.11 -17.85
N LEU B 152 -9.95 9.62 -17.01
CA LEU B 152 -10.09 10.97 -16.46
C LEU B 152 -9.89 12.01 -17.58
N GLY B 153 -9.17 11.62 -18.63
CA GLY B 153 -8.95 12.52 -19.75
C GLY B 153 -10.26 12.76 -20.48
N LYS B 154 -10.93 11.67 -20.85
CA LYS B 154 -12.21 11.77 -21.53
C LYS B 154 -13.24 12.46 -20.64
N ARG B 155 -13.18 12.17 -19.35
CA ARG B 155 -14.11 12.76 -18.39
C ARG B 155 -14.04 14.28 -18.40
N PHE B 156 -12.82 14.82 -18.43
CA PHE B 156 -12.63 16.26 -18.44
C PHE B 156 -12.24 16.73 -19.85
N GLN B 157 -12.75 16.05 -20.87
CA GLN B 157 -12.42 16.35 -22.26
C GLN B 157 -11.06 17.03 -22.34
N THR B 158 -10.04 16.29 -21.90
CA THR B 158 -8.66 16.74 -21.86
C THR B 158 -7.76 15.74 -22.56
N LYS B 159 -6.72 16.22 -23.21
CA LYS B 159 -5.78 15.31 -23.86
C LYS B 159 -4.70 14.95 -22.86
N VAL B 160 -4.38 13.66 -22.80
CA VAL B 160 -3.37 13.16 -21.87
C VAL B 160 -2.28 12.37 -22.58
N GLU B 161 -1.03 12.74 -22.33
CA GLU B 161 0.11 12.01 -22.88
C GLU B 161 0.86 11.39 -21.71
N VAL B 162 0.91 10.06 -21.66
CA VAL B 162 1.50 9.37 -20.52
C VAL B 162 2.54 8.30 -20.87
N THR B 163 3.58 8.22 -20.05
CA THR B 163 4.63 7.21 -20.17
C THR B 163 5.19 6.94 -18.78
N GLN B 164 5.42 5.67 -18.48
CA GLN B 164 5.96 5.28 -17.19
C GLN B 164 7.47 5.43 -17.24
N THR B 165 8.05 5.99 -16.18
CA THR B 165 9.49 6.20 -16.11
C THR B 165 10.12 5.40 -14.98
N ALA B 166 9.31 4.70 -14.20
CA ALA B 166 9.79 3.87 -13.10
C ALA B 166 8.95 2.60 -13.04
N PHE B 167 9.54 1.49 -12.58
CA PHE B 167 8.84 0.21 -12.58
C PHE B 167 9.10 -0.67 -11.34
N ARG B 168 8.08 -0.84 -10.51
CA ARG B 168 8.22 -1.72 -9.35
C ARG B 168 8.76 -3.08 -9.79
N GLU B 169 8.07 -3.68 -10.75
CA GLU B 169 8.42 -5.01 -11.24
C GLU B 169 9.92 -5.25 -11.29
N THR B 170 10.68 -4.22 -11.63
CA THR B 170 12.13 -4.35 -11.77
C THR B 170 12.88 -4.14 -10.47
N GLY B 171 12.15 -3.90 -9.38
CA GLY B 171 12.78 -3.68 -8.08
C GLY B 171 12.61 -2.25 -7.60
N GLU B 172 12.60 -1.31 -8.54
CA GLU B 172 12.43 0.11 -8.22
C GLU B 172 11.33 0.33 -7.18
N ASP B 173 11.54 1.33 -6.34
CA ASP B 173 10.62 1.66 -5.25
C ASP B 173 9.16 1.69 -5.66
N HIS B 174 8.84 2.49 -6.66
CA HIS B 174 7.46 2.59 -7.11
C HIS B 174 7.38 3.10 -8.53
N ASP B 175 6.19 3.04 -9.12
CA ASP B 175 5.99 3.49 -10.48
C ASP B 175 5.86 4.99 -10.54
N ILE B 176 6.48 5.60 -11.55
CA ILE B 176 6.40 7.03 -11.77
C ILE B 176 5.98 7.28 -13.21
N PHE B 177 5.07 8.23 -13.39
CA PHE B 177 4.60 8.56 -14.73
C PHE B 177 4.80 10.04 -15.00
N SER B 178 5.20 10.36 -16.22
CA SER B 178 5.31 11.76 -16.65
C SER B 178 4.09 12.01 -17.51
N ILE B 179 3.43 13.14 -17.29
CA ILE B 179 2.19 13.40 -18.02
C ILE B 179 2.09 14.81 -18.61
N LYS B 180 1.37 14.90 -19.72
CA LYS B 180 1.05 16.17 -20.37
C LYS B 180 -0.44 16.17 -20.65
N TYR B 181 -1.06 17.34 -20.63
CA TYR B 181 -2.50 17.44 -20.83
C TYR B 181 -2.95 18.80 -21.39
N GLU B 182 -4.06 18.81 -22.12
CA GLU B 182 -4.57 20.04 -22.74
C GLU B 182 -5.19 20.94 -21.67
FAA 1DX C . 3.97 -6.32 13.56
OAA 1DX C . 4.36 -0.64 5.06
CAB 1DX C . 3.26 -4.63 15.05
OAB 1DX C . 2.01 6.76 8.22
CAC 1DX C . 3.55 -5.06 13.76
OAC 1DX C . 4.79 1.45 5.51
CAD 1DX C . 3.38 -4.19 12.68
OAD 1DX C . 0.93 5.40 6.90
CAE 1DX C . 2.79 -3.35 15.27
FAE 1DX C . -2.28 8.94 15.13
CAG 1DX C . -0.95 6.59 15.80
CAH 1DX C . -0.99 7.13 14.51
CAI 1DX C . -1.32 8.57 14.30
CAJ 1DX C . -0.61 5.25 15.98
FAJ 1DX C . -0.24 9.31 14.50
CAK 1DX C . -0.35 4.99 13.60
FAK 1DX C . -1.75 8.74 13.05
CAN 1DX C . 0.29 2.36 13.91
CAO 1DX C . 0.11 2.53 16.30
CAP 1DX C . 0.64 1.02 14.03
CAQ 1DX C . 0.46 1.20 16.42
CAR 1DX C . 1.73 2.13 9.41
CAS 1DX C . 2.83 3.62 10.92
CAT 1DX C . 1.43 3.19 8.57
CAU 1DX C . 2.52 4.69 10.09
CAV 1DX C . 5.70 0.27 8.08
CAW 1DX C . 5.65 -0.21 9.53
CAX 1DX C . 4.38 0.00 7.36
CBA 1DX C . 2.75 -1.94 11.74
CBB 1DX C . 4.91 0.77 10.44
CBC 1DX C . 3.91 -0.95 11.74
CBD 1DX C . 1.14 -1.00 15.39
CBE 1DX C . 2.77 1.17 11.50
OBF 1DX C . 2.17 -1.22 14.41
CBG 1DX C . 4.52 0.28 5.88
CBH 1DX C . 1.53 5.63 7.97
CBI 1DX C . -0.32 4.45 14.89
CBJ 1DX C . 0.03 3.12 15.04
CBK 1DX C . 0.71 0.44 15.29
CBL 1DX C . 2.45 2.33 10.58
CBM 1DX C . 1.82 4.48 8.91
CBN 1DX C . 2.92 -2.90 12.90
CBO 1DX C . 2.62 -2.49 14.20
NBP 1DX C . 3.63 0.17 10.83
CZD 1DX C . -0.68 6.33 13.41
C1 MLI D . 20.45 0.38 17.30
C2 MLI D . 20.89 1.78 17.65
C3 MLI D . 20.08 -0.34 18.56
O6 MLI D . 20.06 2.54 18.19
O7 MLI D . 22.09 2.09 17.46
O8 MLI D . 19.14 0.12 19.25
O9 MLI D . 20.78 -1.32 18.91
FAA 1DX E . -6.64 7.40 -11.21
OAA 1DX E . -3.84 -0.82 -4.75
CAB 1DX E . -8.99 7.33 -10.94
OAB 1DX E . -8.05 -1.73 -1.57
CAC 1DX E . -7.72 6.89 -10.59
OAC 1DX E . -2.94 0.03 -6.57
CAD 1DX E . -7.57 5.95 -9.58
OAD 1DX E . -9.63 -2.99 -2.41
CAE 1DX E . -10.11 6.83 -10.29
FAE 1DX E . -16.21 -1.63 -2.39
CAG 1DX E . -16.51 1.42 -3.64
CAH 1DX E . -15.79 0.59 -2.82
CAI 1DX E . -16.51 -0.43 -1.97
CAJ 1DX E . -15.87 2.35 -4.46
FAJ 1DX E . -16.11 -0.29 -0.71
CAK 1DX E . -13.75 1.59 -3.61
FAK 1DX E . -17.81 -0.24 -2.04
CAN 1DX E . -12.44 3.43 -5.21
CAO 1DX E . -14.55 4.19 -6.08
CAP 1DX E . -11.78 4.35 -6.01
CAQ 1DX E . -13.89 5.10 -6.88
CAR 1DX E . -8.50 1.06 -4.67
CAS 1DX E . -10.20 -0.36 -5.60
CAT 1DX E . -8.34 0.17 -3.62
CAU 1DX E . -10.03 -1.27 -4.56
CAV 1DX E . -5.38 -0.03 -7.91
CAW 1DX E . -6.32 1.03 -8.48
CAX 1DX E . -5.33 0.04 -6.39
CBA 1DX E . -8.53 4.40 -7.86
CBB 1DX E . -7.78 0.79 -8.08
CBC 1DX E . -8.48 3.03 -8.50
CBD 1DX E . -11.76 6.15 -7.72
CBE 1DX E . -9.61 1.75 -6.82
OBF 1DX E . -11.05 5.36 -8.66
CBG 1DX E . -3.94 -0.28 -5.88
CBH 1DX E . -8.92 -1.96 -2.44
CBI 1DX E . -14.48 2.43 -4.43
CBJ 1DX E . -13.84 3.35 -5.24
CBK 1DX E . -12.51 5.20 -6.82
CBL 1DX E . -9.44 0.80 -5.65
CBM 1DX E . -9.10 -0.99 -3.56
CBN 1DX E . -8.69 5.45 -8.94
CBO 1DX E . -9.95 5.88 -9.30
NBP 1DX E . -8.31 2.01 -7.45
CZD 1DX E . -14.41 0.65 -2.82
C1 MLI F . -11.83 -4.53 -24.15
C2 MLI F . -13.16 -4.41 -23.46
C3 MLI F . -11.70 -5.92 -24.71
O6 MLI F . -13.63 -5.43 -22.90
O7 MLI F . -13.76 -3.31 -23.46
O8 MLI F . -12.29 -6.19 -25.78
O9 MLI F . -11.02 -6.75 -24.08
#